data_8S8C
#
_entry.id   8S8C
#
_cell.length_a   93.853
_cell.length_b   93.853
_cell.length_c   121.021
_cell.angle_alpha   90.00
_cell.angle_beta   90.00
_cell.angle_gamma   120.00
#
_symmetry.space_group_name_H-M   'H 3 2'
#
loop_
_entity.id
_entity.type
_entity.pdbx_description
1 polymer 'GTPase KRas'
2 non-polymer "GUANOSINE-5'-DIPHOSPHATE"
3 non-polymer 'MAGNESIUM ION'
4 non-polymer '(5aSa,17aRa)- 20-Chloro-2-[(2S,5R)-2,5-dimethyl-4-(prop-2-enoyl)piperazin-1-yl]-14,17-difluoro-6-(propan-2-yl)-11,12-dihydro-4H-1,18-(ethanediylidene)pyrido[4,3-e]pyrimido[1,6-g][1,4,7,9]benzodioxadiazacyclododecin-4-one'
5 water water
#
_entity_poly.entity_id   1
_entity_poly.type   'polypeptide(L)'
_entity_poly.pdbx_seq_one_letter_code
;GMTEYKLVVVGACGVGKSALTIQLIQNHFVDEYDPTIEDSYRKQVVIDGETSLLDILDTAGQEEYSAMRDQYMRTGEGFL
LVFAINNTKSFEDIHHYREQIKRVKDSEDVPMVLVGNKSDLPSRTVDTKQAQDLARSYGIPFIETSAKTRQGVDDAFYTL
VREIRKHKEK
;
_entity_poly.pdbx_strand_id   A
#
loop_
_chem_comp.id
_chem_comp.type
_chem_comp.name
_chem_comp.formula
A1H5U non-polymer '(5aSa,17aRa)- 20-Chloro-2-[(2S,5R)-2,5-dimethyl-4-(prop-2-enoyl)piperazin-1-yl]-14,17-difluoro-6-(propan-2-yl)-11,12-dihydro-4H-1,18-(ethanediylidene)pyrido[4,3-e]pyrimido[1,6-g][1,4,7,9]benzodioxadiazacyclododecin-4-one' 'C32 H33 Cl F2 N6 O4'
GDP RNA linking GUANOSINE-5'-DIPHOSPHATE 'C10 H15 N5 O11 P2'
MG non-polymer 'MAGNESIUM ION' 'Mg 2'
#
# COMPACT_ATOMS: atom_id res chain seq x y z
N GLY A 1 15.97 16.09 12.06
CA GLY A 1 15.71 14.63 11.90
C GLY A 1 16.07 14.13 10.52
N MET A 2 16.18 12.81 10.39
CA MET A 2 16.34 12.16 9.10
C MET A 2 15.04 12.31 8.31
N THR A 3 15.06 11.87 7.05
CA THR A 3 13.90 12.01 6.16
C THR A 3 12.79 11.04 6.58
N GLU A 4 11.56 11.53 6.73
CA GLU A 4 10.41 10.63 7.02
C GLU A 4 9.46 10.57 5.83
N TYR A 5 8.75 9.46 5.70
CA TYR A 5 7.76 9.26 4.62
C TYR A 5 6.45 8.79 5.26
N LYS A 6 5.36 9.51 5.07
CA LYS A 6 4.10 9.06 5.67
C LYS A 6 3.27 8.27 4.64
N LEU A 7 3.17 6.97 4.91
CA LEU A 7 2.51 6.04 3.98
C LEU A 7 1.20 5.56 4.61
N VAL A 8 0.23 5.30 3.74
CA VAL A 8 -1.08 4.81 4.14
C VAL A 8 -1.42 3.59 3.29
N VAL A 9 -1.76 2.50 3.98
CA VAL A 9 -2.09 1.23 3.33
C VAL A 9 -3.61 1.06 3.35
N VAL A 10 -4.20 0.97 2.16
CA VAL A 10 -5.66 0.93 2.01
C VAL A 10 -6.05 -0.21 1.08
N GLY A 11 -7.36 -0.49 1.09
CA GLY A 11 -7.89 -1.66 0.41
C GLY A 11 -8.93 -2.39 1.26
N ALA A 12 -9.63 -3.30 0.58
CA ALA A 12 -10.77 -3.99 1.14
C ALA A 12 -10.34 -4.89 2.30
N CYS A 13 -11.33 -5.31 3.06
CA CYS A 13 -11.14 -6.22 4.16
C CYS A 13 -10.48 -7.50 3.64
N GLY A 14 -9.40 -7.91 4.30
CA GLY A 14 -8.83 -9.23 4.12
C GLY A 14 -7.86 -9.33 2.95
N VAL A 15 -7.45 -8.22 2.33
CA VAL A 15 -6.59 -8.33 1.14
C VAL A 15 -5.14 -8.58 1.53
N GLY A 16 -4.78 -8.35 2.80
CA GLY A 16 -3.41 -8.50 3.26
C GLY A 16 -2.73 -7.19 3.61
N LYS A 17 -3.46 -6.14 3.97
CA LYS A 17 -2.83 -4.86 4.38
C LYS A 17 -1.97 -5.08 5.62
N SER A 18 -2.53 -5.72 6.64
CA SER A 18 -1.75 -5.95 7.89
C SER A 18 -0.59 -6.92 7.60
N ALA A 19 -0.85 -7.97 6.83
CA ALA A 19 0.18 -8.98 6.62
C ALA A 19 1.35 -8.38 5.81
N LEU A 20 1.05 -7.51 4.85
CA LEU A 20 2.12 -6.87 4.09
C LEU A 20 2.94 -5.98 5.04
N THR A 21 2.25 -5.25 5.90
CA THR A 21 2.91 -4.31 6.79
C THR A 21 3.76 -5.09 7.79
N ILE A 22 3.25 -6.18 8.36
CA ILE A 22 4.02 -6.97 9.33
C ILE A 22 5.27 -7.55 8.65
N GLN A 23 5.14 -7.97 7.40
CA GLN A 23 6.25 -8.59 6.66
C GLN A 23 7.36 -7.54 6.43
N LEU A 24 6.97 -6.33 6.06
CA LEU A 24 7.95 -5.28 5.86
C LEU A 24 8.73 -5.08 7.16
N ILE A 25 7.98 -4.83 8.24
CA ILE A 25 8.55 -4.50 9.56
C ILE A 25 9.20 -5.71 10.25
N GLN A 26 8.61 -6.92 10.28
CA GLN A 26 9.09 -8.04 11.17
C GLN A 26 9.68 -9.23 10.40
N ASN A 27 9.59 -9.22 9.07
CA ASN A 27 10.12 -10.29 8.20
C ASN A 27 9.46 -11.63 8.54
N HIS A 28 8.19 -11.62 8.93
CA HIS A 28 7.43 -12.83 9.13
C HIS A 28 5.98 -12.64 8.64
N PHE A 29 5.34 -13.76 8.34
CA PHE A 29 3.98 -13.80 7.81
C PHE A 29 2.99 -14.10 8.94
N VAL A 30 2.01 -13.22 9.15
CA VAL A 30 0.95 -13.49 10.15
C VAL A 30 -0.29 -14.08 9.45
N ASP A 31 -0.75 -15.24 9.95
CA ASP A 31 -1.90 -15.96 9.38
C ASP A 31 -3.24 -15.35 9.72
N GLU A 32 -3.31 -14.69 10.87
CA GLU A 32 -4.53 -14.06 11.33
C GLU A 32 -4.12 -12.90 12.22
N TYR A 33 -4.18 -11.69 11.68
CA TYR A 33 -3.98 -10.49 12.48
C TYR A 33 -5.35 -9.83 12.66
N ASP A 34 -5.70 -9.49 13.90
CA ASP A 34 -6.98 -8.86 14.16
C ASP A 34 -7.33 -7.87 13.03
N PRO A 35 -8.44 -8.13 12.30
CA PRO A 35 -8.88 -7.26 11.20
C PRO A 35 -9.36 -5.87 11.65
N THR A 36 -9.52 -5.70 12.95
CA THR A 36 -10.08 -4.47 13.46
C THR A 36 -8.96 -3.50 13.88
N ILE A 37 -7.70 -3.94 13.96
CA ILE A 37 -6.63 -3.16 14.60
C ILE A 37 -6.00 -2.20 13.58
N GLU A 38 -6.39 -0.92 13.70
CA GLU A 38 -5.81 0.20 12.95
C GLU A 38 -4.70 0.83 13.80
N ASP A 39 -3.47 0.76 13.31
CA ASP A 39 -2.38 1.37 14.01
C ASP A 39 -1.39 1.88 13.02
N SER A 40 -0.56 2.79 13.50
CA SER A 40 0.60 3.27 12.77
C SER A 40 1.86 2.50 13.18
N TYR A 41 2.75 2.26 12.22
CA TYR A 41 4.04 1.63 12.53
C TYR A 41 5.18 2.40 11.87
N ARG A 42 6.37 2.23 12.43
CA ARG A 42 7.55 2.94 11.98
C ARG A 42 8.63 1.92 11.59
N LYS A 43 9.50 2.36 10.68
CA LYS A 43 10.63 1.55 10.28
C LYS A 43 11.74 2.43 9.68
N GLN A 44 12.90 2.39 10.30
CA GLN A 44 14.06 3.02 9.70
C GLN A 44 14.50 2.14 8.54
N VAL A 45 14.81 2.76 7.42
CA VAL A 45 15.19 2.04 6.20
C VAL A 45 16.26 2.87 5.51
N VAL A 46 17.13 2.20 4.75
CA VAL A 46 17.94 2.89 3.76
C VAL A 46 17.36 2.55 2.39
N ILE A 47 17.17 3.59 1.58
CA ILE A 47 16.59 3.45 0.23
C ILE A 47 17.40 4.39 -0.66
N ASP A 48 18.17 3.82 -1.58
CA ASP A 48 19.05 4.63 -2.45
C ASP A 48 20.02 5.56 -1.72
N GLY A 49 20.68 5.02 -0.72
CA GLY A 49 21.69 5.77 0.02
C GLY A 49 21.11 6.84 0.93
N GLU A 50 19.79 6.85 1.12
CA GLU A 50 19.14 7.78 2.03
C GLU A 50 18.56 6.98 3.21
N THR A 51 18.90 7.38 4.43
CA THR A 51 18.28 6.82 5.63
C THR A 51 16.96 7.55 5.90
N SER A 52 15.90 6.78 6.08
CA SER A 52 14.61 7.40 6.34
C SER A 52 13.77 6.56 7.31
N LEU A 53 12.86 7.26 7.95
CA LEU A 53 11.85 6.67 8.78
C LEU A 53 10.57 6.56 7.91
N LEU A 54 10.02 5.37 7.81
CA LEU A 54 8.66 5.20 7.30
C LEU A 54 7.68 5.25 8.48
N ASP A 55 6.55 5.93 8.27
CA ASP A 55 5.49 6.13 9.24
C ASP A 55 4.25 5.63 8.45
N ILE A 56 3.79 4.42 8.81
CA ILE A 56 2.83 3.66 7.96
C ILE A 56 1.53 3.42 8.73
N LEU A 57 0.43 4.02 8.26
CA LEU A 57 -0.89 3.67 8.79
C LEU A 57 -1.40 2.40 8.09
N ASP A 58 -1.61 1.35 8.88
CA ASP A 58 -2.28 0.14 8.40
C ASP A 58 -3.78 0.32 8.70
N THR A 59 -4.61 0.57 7.68
CA THR A 59 -6.03 0.92 7.92
C THR A 59 -6.82 -0.35 8.31
N ALA A 60 -7.78 -0.20 9.25
CA ALA A 60 -8.77 -1.26 9.63
C ALA A 60 -10.11 -0.61 10.02
N GLY A 61 -11.18 -1.37 10.16
CA GLY A 61 -12.48 -0.80 10.63
C GLY A 61 -12.97 0.33 9.75
N SER A 66 -12.72 9.10 13.12
CA SER A 66 -11.36 8.84 13.59
C SER A 66 -10.43 10.00 13.20
N ALA A 67 -9.95 10.71 14.22
CA ALA A 67 -9.11 11.90 14.05
C ALA A 67 -7.72 11.52 13.53
N MET A 68 -7.26 10.30 13.81
CA MET A 68 -5.95 9.83 13.34
C MET A 68 -6.02 9.48 11.84
N ARG A 69 -7.03 8.70 11.48
CA ARG A 69 -7.31 8.38 10.08
C ARG A 69 -7.47 9.69 9.29
N ASP A 70 -8.34 10.56 9.78
CA ASP A 70 -8.50 11.90 9.22
C ASP A 70 -7.16 12.58 9.00
N GLN A 71 -6.29 12.57 10.01
CA GLN A 71 -5.02 13.29 9.93
C GLN A 71 -4.06 12.56 8.98
N TYR A 72 -4.15 11.25 8.89
CA TYR A 72 -3.26 10.52 7.97
C TYR A 72 -3.73 10.74 6.53
N MET A 73 -5.03 10.84 6.32
CA MET A 73 -5.53 11.10 4.98
C MET A 73 -5.13 12.52 4.55
N ARG A 74 -5.17 13.45 5.47
CA ARG A 74 -4.85 14.84 5.19
C ARG A 74 -3.36 14.99 4.89
N THR A 75 -2.52 14.26 5.62
CA THR A 75 -1.08 14.53 5.61
C THR A 75 -0.29 13.32 5.09
N GLY A 76 -0.94 12.20 4.78
CA GLY A 76 -0.24 11.06 4.24
C GLY A 76 0.38 11.43 2.90
N GLU A 77 1.57 10.92 2.56
CA GLU A 77 2.29 11.38 1.37
C GLU A 77 2.16 10.38 0.23
N GLY A 78 1.83 9.14 0.54
CA GLY A 78 1.61 8.14 -0.48
C GLY A 78 0.75 6.99 0.01
N PHE A 79 0.11 6.27 -0.95
CA PHE A 79 -0.85 5.22 -0.67
C PHE A 79 -0.53 3.95 -1.44
N LEU A 80 -0.65 2.81 -0.75
CA LEU A 80 -0.68 1.49 -1.41
C LEU A 80 -2.17 1.17 -1.58
N LEU A 81 -2.56 0.89 -2.82
CA LEU A 81 -3.92 0.45 -3.12
C LEU A 81 -3.86 -1.07 -3.21
N VAL A 82 -4.26 -1.76 -2.18
CA VAL A 82 -4.05 -3.19 -2.11
C VAL A 82 -5.36 -3.91 -2.44
N PHE A 83 -5.26 -4.88 -3.36
CA PHE A 83 -6.30 -5.89 -3.64
C PHE A 83 -5.63 -7.26 -3.55
N ALA A 84 -6.43 -8.33 -3.47
CA ALA A 84 -5.86 -9.69 -3.54
C ALA A 84 -6.19 -10.29 -4.91
N ILE A 85 -5.22 -10.97 -5.54
CA ILE A 85 -5.37 -11.50 -6.92
C ILE A 85 -6.37 -12.66 -6.97
N ASN A 86 -6.82 -13.14 -5.82
CA ASN A 86 -7.86 -14.18 -5.74
C ASN A 86 -9.15 -13.63 -5.13
N ASN A 87 -9.36 -12.31 -5.27
CA ASN A 87 -10.50 -11.64 -4.69
C ASN A 87 -10.92 -10.56 -5.70
N THR A 88 -11.79 -10.94 -6.62
CA THR A 88 -12.24 -10.03 -7.72
C THR A 88 -12.91 -8.79 -7.15
N LYS A 89 -13.74 -8.97 -6.15
CA LYS A 89 -14.40 -7.87 -5.51
C LYS A 89 -13.38 -6.84 -4.99
N SER A 90 -12.32 -7.32 -4.32
CA SER A 90 -11.28 -6.44 -3.77
C SER A 90 -10.64 -5.61 -4.88
N PHE A 91 -10.48 -6.21 -6.07
CA PHE A 91 -9.92 -5.50 -7.23
C PHE A 91 -10.90 -4.44 -7.73
N GLU A 92 -12.17 -4.81 -7.79
CA GLU A 92 -13.27 -3.91 -8.21
C GLU A 92 -13.39 -2.73 -7.24
N ASP A 93 -13.11 -2.97 -5.97
CA ASP A 93 -13.24 -1.95 -4.96
C ASP A 93 -12.11 -0.89 -5.07
N ILE A 94 -11.01 -1.19 -5.77
CA ILE A 94 -9.84 -0.26 -5.77
C ILE A 94 -10.30 1.12 -6.23
N HIS A 95 -11.19 1.16 -7.21
CA HIS A 95 -11.73 2.39 -7.72
C HIS A 95 -12.26 3.27 -6.57
N HIS A 96 -13.03 2.67 -5.66
CA HIS A 96 -13.68 3.42 -4.60
C HIS A 96 -12.65 3.96 -3.61
N TYR A 97 -11.57 3.18 -3.37
CA TYR A 97 -10.49 3.60 -2.47
C TYR A 97 -9.70 4.75 -3.13
N ARG A 98 -9.36 4.64 -4.43
CA ARG A 98 -8.68 5.73 -5.12
C ARG A 98 -9.55 7.01 -5.08
N GLU A 99 -10.87 6.88 -5.23
CA GLU A 99 -11.78 8.02 -5.23
C GLU A 99 -11.78 8.73 -3.87
N GLN A 100 -11.68 7.96 -2.79
CA GLN A 100 -11.65 8.51 -1.43
C GLN A 100 -10.32 9.26 -1.21
N ILE A 101 -9.22 8.72 -1.70
CA ILE A 101 -7.95 9.43 -1.64
C ILE A 101 -8.04 10.75 -2.44
N LYS A 102 -8.68 10.73 -3.62
CA LYS A 102 -8.77 11.93 -4.47
C LYS A 102 -9.63 13.02 -3.81
N ARG A 103 -10.69 12.61 -3.11
CA ARG A 103 -11.54 13.56 -2.40
C ARG A 103 -10.68 14.35 -1.41
N VAL A 104 -9.96 13.60 -0.60
CA VAL A 104 -9.26 14.13 0.54
C VAL A 104 -8.09 14.98 0.07
N LYS A 105 -7.44 14.60 -1.02
CA LYS A 105 -6.32 15.41 -1.51
C LYS A 105 -6.80 16.49 -2.47
N ASP A 106 -8.08 16.44 -2.81
CA ASP A 106 -8.62 17.31 -3.83
C ASP A 106 -7.69 17.29 -5.05
N SER A 107 -7.20 16.12 -5.41
CA SER A 107 -6.12 16.03 -6.38
C SER A 107 -6.11 14.66 -7.05
N GLU A 108 -5.79 14.70 -8.34
CA GLU A 108 -5.50 13.52 -9.19
C GLU A 108 -4.04 13.09 -9.01
N ASP A 109 -3.23 14.01 -8.54
CA ASP A 109 -1.79 13.88 -8.51
C ASP A 109 -1.27 13.47 -7.13
N VAL A 110 -1.48 12.21 -6.77
CA VAL A 110 -1.14 11.70 -5.43
C VAL A 110 -0.25 10.48 -5.62
N PRO A 111 0.91 10.41 -4.93
CA PRO A 111 1.68 9.18 -5.09
C PRO A 111 0.94 7.92 -4.58
N MET A 112 0.84 6.95 -5.47
CA MET A 112 0.17 5.66 -5.21
C MET A 112 0.85 4.53 -5.99
N VAL A 113 0.77 3.34 -5.42
CA VAL A 113 1.19 2.13 -6.04
C VAL A 113 0.04 1.14 -5.92
N LEU A 114 -0.23 0.48 -7.02
CA LEU A 114 -1.27 -0.60 -7.04
C LEU A 114 -0.58 -1.93 -6.71
N VAL A 115 -1.13 -2.64 -5.72
CA VAL A 115 -0.52 -3.83 -5.19
C VAL A 115 -1.51 -4.99 -5.33
N GLY A 116 -1.11 -6.02 -6.03
CA GLY A 116 -1.86 -7.24 -6.13
C GLY A 116 -1.22 -8.31 -5.25
N ASN A 117 -1.86 -8.58 -4.10
CA ASN A 117 -1.30 -9.45 -3.11
C ASN A 117 -1.88 -10.87 -3.23
N LYS A 118 -1.28 -11.76 -2.45
CA LYS A 118 -1.57 -13.24 -2.38
C LYS A 118 -1.12 -13.97 -3.65
N SER A 119 0.02 -13.53 -4.21
CA SER A 119 0.59 -14.11 -5.48
C SER A 119 0.94 -15.59 -5.31
N ASP A 120 1.12 -16.02 -4.07
CA ASP A 120 1.40 -17.41 -3.79
C ASP A 120 0.19 -18.35 -3.97
N LEU A 121 -1.03 -17.83 -3.95
CA LEU A 121 -2.22 -18.67 -4.02
C LEU A 121 -2.53 -19.03 -5.47
N PRO A 122 -2.91 -20.28 -5.69
CA PRO A 122 -3.30 -20.71 -7.03
C PRO A 122 -4.67 -20.20 -7.53
N SER A 123 -5.60 -19.71 -6.67
CA SER A 123 -7.01 -19.42 -7.11
C SER A 123 -7.12 -18.00 -7.72
N ARG A 124 -6.23 -17.69 -8.67
CA ARG A 124 -6.05 -16.31 -9.17
C ARG A 124 -7.20 -15.93 -10.11
N THR A 125 -7.98 -14.92 -9.71
CA THR A 125 -9.16 -14.55 -10.49
C THR A 125 -8.97 -13.18 -11.15
N VAL A 126 -7.93 -12.47 -10.74
CA VAL A 126 -7.57 -11.18 -11.36
C VAL A 126 -6.27 -11.38 -12.12
N ASP A 127 -6.33 -11.37 -13.44
CA ASP A 127 -5.10 -11.53 -14.20
C ASP A 127 -4.18 -10.29 -14.19
N THR A 128 -2.90 -10.52 -14.44
CA THR A 128 -1.88 -9.48 -14.46
C THR A 128 -2.30 -8.38 -15.44
N LYS A 129 -2.91 -8.75 -16.55
CA LYS A 129 -3.29 -7.78 -17.57
C LYS A 129 -4.40 -6.84 -17.07
N GLN A 130 -5.39 -7.34 -16.35
CA GLN A 130 -6.41 -6.49 -15.70
C GLN A 130 -5.72 -5.48 -14.75
N ALA A 131 -4.82 -5.96 -13.93
CA ALA A 131 -4.16 -5.12 -12.96
C ALA A 131 -3.31 -4.05 -13.68
N GLN A 132 -2.55 -4.47 -14.71
CA GLN A 132 -1.63 -3.59 -15.44
C GLN A 132 -2.48 -2.53 -16.15
N ASP A 133 -3.62 -2.94 -16.74
CA ASP A 133 -4.55 -1.96 -17.38
C ASP A 133 -5.09 -0.91 -16.36
N LEU A 134 -5.44 -1.35 -15.15
CA LEU A 134 -5.96 -0.40 -14.17
C LEU A 134 -4.83 0.57 -13.74
N ALA A 135 -3.64 0.04 -13.45
CA ALA A 135 -2.51 0.92 -13.00
C ALA A 135 -2.13 1.91 -14.11
N ARG A 136 -2.17 1.47 -15.38
CA ARG A 136 -1.88 2.29 -16.50
C ARG A 136 -2.94 3.42 -16.57
N SER A 137 -4.23 3.06 -16.46
CA SER A 137 -5.27 4.09 -16.44
C SER A 137 -5.00 5.15 -15.38
N TYR A 138 -4.56 4.74 -14.19
CA TYR A 138 -4.29 5.64 -13.06
C TYR A 138 -2.90 6.34 -13.15
N GLY A 139 -2.05 5.95 -14.08
CA GLY A 139 -0.74 6.53 -14.19
C GLY A 139 0.18 6.11 -13.04
N ILE A 140 0.06 4.89 -12.52
CA ILE A 140 0.81 4.48 -11.35
C ILE A 140 1.42 3.09 -11.58
N PRO A 141 2.48 2.78 -10.81
CA PRO A 141 3.10 1.43 -10.87
C PRO A 141 2.16 0.32 -10.35
N PHE A 142 2.32 -0.89 -10.89
CA PHE A 142 1.66 -2.09 -10.38
C PHE A 142 2.73 -3.08 -9.89
N ILE A 143 2.54 -3.58 -8.68
CA ILE A 143 3.50 -4.54 -8.09
C ILE A 143 2.71 -5.71 -7.48
N GLU A 144 3.10 -6.91 -7.88
CA GLU A 144 2.56 -8.16 -7.36
C GLU A 144 3.33 -8.58 -6.09
N THR A 145 2.62 -8.92 -5.03
CA THR A 145 3.26 -9.27 -3.79
C THR A 145 2.72 -10.60 -3.28
N SER A 146 3.49 -11.23 -2.38
CA SER A 146 2.95 -12.21 -1.46
C SER A 146 3.47 -11.87 -0.07
N ALA A 147 2.62 -11.48 0.84
CA ALA A 147 3.03 -11.30 2.22
C ALA A 147 3.54 -12.64 2.79
N LYS A 148 3.13 -13.75 2.22
CA LYS A 148 3.57 -15.05 2.73
C LYS A 148 4.99 -15.39 2.29
N THR A 149 5.36 -15.22 1.03
CA THR A 149 6.71 -15.58 0.62
C THR A 149 7.63 -14.37 0.80
N ARG A 150 7.01 -13.22 1.06
CA ARG A 150 7.62 -11.90 1.11
C ARG A 150 7.95 -11.37 -0.28
N GLN A 151 7.67 -12.13 -1.33
CA GLN A 151 7.93 -11.60 -2.67
C GLN A 151 7.24 -10.24 -2.88
N GLY A 152 7.98 -9.30 -3.47
CA GLY A 152 7.47 -7.99 -3.85
C GLY A 152 7.23 -7.04 -2.70
N VAL A 153 7.40 -7.47 -1.45
CA VAL A 153 6.95 -6.63 -0.35
C VAL A 153 7.84 -5.38 -0.26
N ASP A 154 9.16 -5.58 -0.23
CA ASP A 154 10.05 -4.40 -0.17
C ASP A 154 9.84 -3.52 -1.40
N ASP A 155 9.69 -4.16 -2.55
CA ASP A 155 9.52 -3.51 -3.82
C ASP A 155 8.33 -2.55 -3.80
N ALA A 156 7.22 -2.98 -3.24
CA ALA A 156 6.02 -2.17 -3.19
C ALA A 156 6.25 -0.92 -2.34
N PHE A 157 6.83 -1.10 -1.14
CA PHE A 157 7.09 0.02 -0.25
C PHE A 157 8.20 0.93 -0.78
N TYR A 158 9.26 0.38 -1.33
CA TYR A 158 10.34 1.22 -1.88
C TYR A 158 9.84 1.98 -3.12
N THR A 159 9.03 1.33 -3.93
CA THR A 159 8.50 2.00 -5.13
C THR A 159 7.61 3.16 -4.69
N LEU A 160 6.82 2.97 -3.64
CA LEU A 160 5.97 4.10 -3.16
C LEU A 160 6.83 5.28 -2.67
N VAL A 161 7.93 4.98 -2.00
CA VAL A 161 8.83 6.00 -1.52
C VAL A 161 9.34 6.78 -2.71
N ARG A 162 9.72 6.06 -3.78
CA ARG A 162 10.32 6.68 -4.94
C ARG A 162 9.27 7.49 -5.69
N GLU A 163 8.02 7.06 -5.63
CA GLU A 163 6.93 7.83 -6.26
C GLU A 163 6.70 9.14 -5.49
N ILE A 164 6.85 9.09 -4.14
CA ILE A 164 6.75 10.31 -3.33
C ILE A 164 7.88 11.27 -3.72
N ARG A 165 9.12 10.78 -3.82
CA ARG A 165 10.26 11.63 -4.20
C ARG A 165 10.04 12.23 -5.59
N LYS A 166 9.38 11.50 -6.49
CA LYS A 166 9.19 12.00 -7.82
C LYS A 166 8.20 13.18 -7.81
N HIS A 167 7.31 13.16 -6.82
CA HIS A 167 6.22 14.11 -6.69
C HIS A 167 6.68 15.35 -5.91
N LYS A 168 7.66 15.23 -5.04
CA LYS A 168 7.97 16.31 -4.11
C LYS A 168 9.40 16.16 -3.57
N GLU A 169 10.03 17.28 -3.26
CA GLU A 169 11.33 17.31 -2.64
C GLU A 169 11.23 16.83 -1.18
N LYS A 170 12.13 15.92 -0.79
CA LYS A 170 12.17 15.34 0.53
C LYS A 170 13.48 15.75 1.24
PB GDP B . -6.38 -6.98 5.98
O1B GDP B . -6.11 -6.33 4.67
O2B GDP B . -5.35 -6.47 6.95
O3B GDP B . -7.81 -6.99 6.41
O3A GDP B . -5.94 -8.53 5.77
PA GDP B . -4.89 -9.45 6.62
O1A GDP B . -3.46 -9.06 6.40
O2A GDP B . -5.45 -9.56 8.01
O5' GDP B . -5.03 -10.83 5.81
C5' GDP B . -6.29 -11.47 5.66
C4' GDP B . -6.07 -12.98 5.56
O4' GDP B . -5.36 -13.20 4.33
C3' GDP B . -5.22 -13.47 6.72
O3' GDP B . -5.69 -14.75 7.18
C2' GDP B . -3.82 -13.52 6.13
O2' GDP B . -2.95 -14.50 6.69
C1' GDP B . -4.08 -13.81 4.66
N9 GDP B . -3.06 -13.27 3.74
C8 GDP B . -2.63 -12.00 3.62
N7 GDP B . -1.67 -11.86 2.67
C5 GDP B . -1.50 -13.08 2.18
C6 GDP B . -0.62 -13.63 1.14
O6 GDP B . 0.16 -12.89 0.52
N1 GDP B . -0.72 -14.94 0.90
C2 GDP B . -1.58 -15.77 1.57
N2 GDP B . -1.59 -17.07 1.24
N3 GDP B . -2.41 -15.34 2.54
C4 GDP B . -2.40 -14.01 2.87
MG MG C . -5.70 -5.60 8.91
C1 A1H5U D . -16.49 1.79 -0.19
C2 A1H5U D . -15.33 2.27 0.67
C3 A1H5U D . -14.05 2.36 -0.15
C6 A1H5U D . -16.55 5.70 1.15
C7 A1H5U D . -16.15 6.08 2.42
C8 A1H5U D . -15.44 5.15 3.17
O9 A1H5U D . -14.97 5.36 4.45
C10 A1H5U D . -14.77 6.71 4.91
C11 A1H5U D . -13.66 7.40 4.14
C13 A1H5U D . -11.33 7.02 3.70
C14 A1H5U D . -10.83 8.24 3.28
C16 A1H5U D . -9.78 8.33 2.40
C21 A1H5U D . -11.31 4.54 3.69
C23 A1H5U D . -13.12 3.15 3.74
C25 A1H5U D . -15.16 3.89 2.62
C26 A1H5U D . -15.16 1.88 3.99
C31 A1H5U D . -13.32 -0.90 6.39
C36 A1H5U D . -11.12 -2.02 4.85
C37 A1H5U D . -11.19 -0.52 5.15
C39 A1H5U D . -10.35 -0.23 6.39
C40 A1H5U D . -11.18 -3.78 6.51
O41 A1H5U D . -9.98 -3.92 6.38
C42 A1H5U D . -11.97 -4.73 7.39
C43 A1H5U D . -11.37 -6.13 7.40
N35 A1H5U D . -11.84 -2.77 5.88
N30 A1H5U D . -12.61 -0.16 5.35
C32 A1H5U D . -13.24 -2.39 6.10
C34 A1H5U D . -14.10 -2.75 4.91
C29 A1H5U D . -13.19 0.98 4.84
N28 A1H5U D . -14.50 0.91 4.68
O27 A1H5U D . -16.39 1.89 3.89
N24 A1H5U D . -14.43 2.92 3.38
C4 A1H5U D . -15.61 3.60 1.32
N5 A1H5U D . -16.29 4.51 0.60
O12 A1H5U D . -12.38 6.90 4.59
F15 A1H5U D . -11.39 9.38 3.77
C17 A1H5U D . -9.20 7.17 1.91
C18 A1H5U D . -9.70 5.96 2.33
F19 A1H5U D . -9.13 4.82 1.85
C20 A1H5U D . -10.76 5.84 3.22
N22 A1H5U D . -12.58 4.30 3.34
C44 A1H5U D . -12.45 2.18 4.49
C45 A1H5U D . -11.13 2.45 4.84
C46 A1H5U D . -10.57 3.64 4.43
CL47 A1H5U D . -8.93 3.96 4.88
H49 A1H5U D . -16.55 0.71 -0.24
H50 A1H5U D . -16.39 2.14 -1.22
H48 A1H5U D . -17.45 2.14 0.18
H51 A1H5U D . -15.16 1.48 1.41
H52 A1H5U D . -14.15 3.12 -0.94
H53 A1H5U D . -13.81 1.42 -0.62
H54 A1H5U D . -13.20 2.66 0.45
H55 A1H5U D . -17.11 6.38 0.51
H56 A1H5U D . -16.41 7.07 2.79
H58 A1H5U D . -15.76 7.15 4.84
H57 A1H5U D . -14.55 6.71 5.98
H60 A1H5U D . -13.80 7.32 3.07
H59 A1H5U D . -13.54 8.45 4.35
H61 A1H5U D . -9.39 9.29 2.08
H63 A1H5U D . -14.35 -0.59 6.48
H64 A1H5U D . -12.88 -0.70 7.36
H68 A1H5U D . -10.08 -2.33 4.80
H69 A1H5U D . -11.51 -2.21 3.86
H38 A1H5U D . -10.77 -0.01 4.29
H72 A1H5U D . -10.18 -1.10 7.02
H70 A1H5U D . -10.85 0.50 7.04
H71 A1H5U D . -9.38 0.20 6.16
H77 A1H5U D . -13.00 -4.80 7.04
H73 A1H5U D . -12.06 -4.36 8.41
H1 A1H5U D . -11.34 -6.50 8.42
H74 A1H5U D . -10.33 -6.14 7.07
H33 A1H5U D . -13.60 -2.91 6.98
H65 A1H5U D . -14.04 -2.04 4.08
H66 A1H5U D . -15.15 -2.73 5.20
H67 A1H5U D . -13.96 -3.75 4.52
H62 A1H5U D . -8.37 7.22 1.21
H76 A1H5U D . -10.52 1.79 5.41
#